data_2BOJ
#
_entry.id   2BOJ
#
_cell.length_a   50.636
_cell.length_b   80.168
_cell.length_c   52.517
_cell.angle_alpha   90.00
_cell.angle_beta   109.92
_cell.angle_gamma   90.00
#
_symmetry.space_group_name_H-M   'P 1 21 1'
#
loop_
_entity.id
_entity.type
_entity.pdbx_description
1 polymer 'PSEUDOMONAS AERUGINOSA LECTIN II'
2 non-polymer 'methyl beta-D-arabinopyranoside'
3 non-polymer 'CALCIUM ION'
4 non-polymer 'SULFATE ION'
5 water water
#
_entity_poly.entity_id   1
_entity_poly.type   'polypeptide(L)'
_entity_poly.pdbx_seq_one_letter_code
;ATQGVFTLPANTRFGVTAFANSSGTQTVNVLVNNETAATFSGQSTNNAVIGTQVLNSGSSGKVQVQVSVNGRPSDLVSAQ
VILTNELNFALVGSEDGTDNDYNDAVVVINWPLG
;
_entity_poly.pdbx_strand_id   A,B,C,D
#
# COMPACT_ATOMS: atom_id res chain seq x y z
N ALA A 1 16.32 -4.69 -5.84
CA ALA A 1 15.89 -3.36 -6.33
C ALA A 1 16.25 -2.33 -5.30
N THR A 2 16.49 -1.12 -5.78
CA THR A 2 16.70 0.05 -4.92
C THR A 2 15.51 0.23 -3.99
N GLN A 3 15.79 0.53 -2.73
CA GLN A 3 14.74 0.78 -1.73
C GLN A 3 15.05 2.07 -0.99
N GLY A 4 14.01 2.70 -0.42
CA GLY A 4 14.20 3.93 0.35
C GLY A 4 14.43 5.18 -0.48
N VAL A 5 14.17 5.09 -1.79
CA VAL A 5 14.28 6.23 -2.71
C VAL A 5 12.89 6.63 -3.22
N PHE A 6 12.56 7.93 -3.14
CA PHE A 6 11.23 8.40 -3.46
C PHE A 6 11.31 9.67 -4.25
N THR A 7 10.41 9.83 -5.22
CA THR A 7 10.31 11.08 -5.95
C THR A 7 9.10 11.85 -5.47
N LEU A 8 9.35 13.04 -4.93
CA LEU A 8 8.28 13.93 -4.49
C LEU A 8 8.14 15.05 -5.51
N PRO A 9 7.00 15.75 -5.48
CA PRO A 9 6.93 16.95 -6.30
C PRO A 9 8.01 17.91 -5.86
N ALA A 10 8.50 18.72 -6.79
CA ALA A 10 9.53 19.71 -6.46
C ALA A 10 9.00 20.70 -5.42
N ASN A 11 9.92 21.19 -4.58
CA ASN A 11 9.66 22.30 -3.66
C ASN A 11 8.47 22.08 -2.73
N THR A 12 8.38 20.86 -2.21
CA THR A 12 7.26 20.42 -1.38
C THR A 12 7.76 20.10 0.02
N ARG A 13 7.12 20.69 1.03
CA ARG A 13 7.42 20.35 2.41
C ARG A 13 6.88 18.95 2.73
N PHE A 14 7.68 18.14 3.42
CA PHE A 14 7.28 16.80 3.79
C PHE A 14 7.76 16.48 5.20
N GLY A 15 7.01 15.63 5.90
CA GLY A 15 7.41 15.19 7.24
C GLY A 15 8.26 13.93 7.13
N VAL A 16 9.24 13.80 8.00
CA VAL A 16 9.96 12.54 8.12
C VAL A 16 10.14 12.24 9.61
N THR A 17 9.79 11.02 9.98
CA THR A 17 9.80 10.63 11.38
C THR A 17 10.39 9.24 11.46
N ALA A 18 11.24 9.01 12.45
CA ALA A 18 11.93 7.72 12.59
C ALA A 18 11.74 7.10 13.98
N PHE A 19 11.53 5.78 14.00
CA PHE A 19 11.35 4.99 15.23
C PHE A 19 12.43 3.93 15.30
N ALA A 20 12.83 3.56 16.52
CA ALA A 20 13.84 2.50 16.68
C ALA A 20 13.27 1.31 17.41
N ASN A 21 13.66 0.12 16.94
CA ASN A 21 13.28 -1.16 17.58
C ASN A 21 14.45 -2.14 17.48
N SER A 22 15.51 -1.90 18.25
CA SER A 22 16.70 -2.72 18.14
C SER A 22 17.66 -2.47 19.30
N SER A 23 18.54 -3.44 19.55
N SER A 23 18.52 -3.46 19.58
CA SER A 23 19.62 -3.28 20.51
CA SER A 23 19.59 -3.24 20.53
C SER A 23 20.77 -2.47 19.90
C SER A 23 20.62 -2.29 19.92
N GLY A 24 20.70 -2.30 18.58
CA GLY A 24 21.67 -1.51 17.84
C GLY A 24 21.24 -0.06 17.78
N THR A 25 22.22 0.83 17.94
CA THR A 25 21.98 2.28 17.82
C THR A 25 21.81 2.63 16.34
N GLN A 26 20.64 3.21 16.01
CA GLN A 26 20.28 3.49 14.63
C GLN A 26 20.73 4.88 14.21
N THR A 27 21.30 5.00 13.01
CA THR A 27 21.51 6.30 12.37
C THR A 27 20.66 6.32 11.09
N VAL A 28 19.75 7.30 11.02
CA VAL A 28 18.89 7.47 9.86
C VAL A 28 19.31 8.77 9.21
N ASN A 29 19.77 8.70 7.96
CA ASN A 29 20.09 9.89 7.20
C ASN A 29 19.06 10.07 6.12
N VAL A 30 18.55 11.30 6.01
CA VAL A 30 17.56 11.66 4.98
C VAL A 30 18.25 12.60 4.00
N LEU A 31 18.38 12.12 2.76
CA LEU A 31 19.05 12.85 1.70
C LEU A 31 18.00 13.53 0.85
N VAL A 32 18.24 14.80 0.52
CA VAL A 32 17.45 15.52 -0.47
C VAL A 32 18.44 15.95 -1.57
N ASN A 33 18.14 15.59 -2.81
CA ASN A 33 19.07 15.87 -3.92
C ASN A 33 20.47 15.28 -3.68
N ASN A 34 20.51 14.06 -3.12
CA ASN A 34 21.76 13.33 -2.83
C ASN A 34 22.64 13.95 -1.75
N GLU A 35 22.08 14.87 -0.98
CA GLU A 35 22.82 15.53 0.10
C GLU A 35 22.06 15.37 1.39
N THR A 36 22.78 15.04 2.47
CA THR A 36 22.14 14.85 3.77
C THR A 36 21.47 16.12 4.22
N ALA A 37 20.15 16.03 4.40
CA ALA A 37 19.32 17.15 4.82
C ALA A 37 18.89 17.01 6.27
N ALA A 38 18.91 15.78 6.79
CA ALA A 38 18.58 15.50 8.19
C ALA A 38 19.26 14.23 8.66
N THR A 39 19.66 14.19 9.92
CA THR A 39 20.23 12.98 10.49
C THR A 39 19.60 12.77 11.87
N PHE A 40 19.11 11.55 12.12
CA PHE A 40 18.52 11.16 13.41
C PHE A 40 19.29 9.98 13.95
N SER A 41 19.39 9.88 15.26
CA SER A 41 19.99 8.71 15.86
C SER A 41 19.42 8.44 17.25
N GLY A 42 19.50 7.19 17.65
CA GLY A 42 18.96 6.81 18.96
C GLY A 42 18.88 5.32 19.07
N GLN A 43 18.52 4.85 20.25
CA GLN A 43 18.44 3.42 20.49
C GLN A 43 17.22 3.19 21.37
N SER A 44 16.37 2.27 20.93
CA SER A 44 15.18 1.85 21.65
C SER A 44 14.79 0.47 21.18
N THR A 45 14.25 -0.33 22.10
CA THR A 45 13.58 -1.58 21.72
C THR A 45 12.05 -1.43 21.89
N ASN A 46 11.61 -0.18 22.06
CA ASN A 46 10.20 0.12 22.34
C ASN A 46 9.61 1.17 21.42
N ASN A 47 10.12 1.24 20.20
CA ASN A 47 9.53 2.12 19.18
C ASN A 47 9.66 3.61 19.49
N ALA A 48 10.69 3.99 20.25
CA ALA A 48 10.86 5.44 20.58
C ALA A 48 11.01 6.25 19.29
N VAL A 49 10.40 7.43 19.24
CA VAL A 49 10.71 8.37 18.16
C VAL A 49 12.15 8.85 18.33
N ILE A 50 13.02 8.58 17.34
CA ILE A 50 14.43 9.01 17.44
C ILE A 50 14.66 10.30 16.65
N GLY A 51 13.63 10.73 15.93
CA GLY A 51 13.71 12.00 15.21
C GLY A 51 12.46 12.28 14.42
N THR A 52 12.18 13.57 14.30
CA THR A 52 11.12 14.05 13.41
C THR A 52 11.47 15.45 12.92
N GLN A 53 11.17 15.72 11.66
CA GLN A 53 11.55 16.98 11.07
C GLN A 53 10.68 17.24 9.85
N VAL A 54 10.55 18.52 9.50
CA VAL A 54 9.95 18.88 8.23
C VAL A 54 11.06 19.37 7.33
N LEU A 55 11.13 18.79 6.13
CA LEU A 55 12.10 19.17 5.13
C LEU A 55 11.40 19.62 3.87
N ASN A 56 12.17 20.22 2.96
CA ASN A 56 11.67 20.64 1.65
C ASN A 56 12.36 19.77 0.58
N SER A 57 11.54 19.19 -0.31
CA SER A 57 12.07 18.32 -1.37
C SER A 57 12.96 19.05 -2.38
N GLY A 58 12.89 20.38 -2.40
CA GLY A 58 13.80 21.19 -3.21
C GLY A 58 13.54 21.04 -4.69
N SER A 59 14.46 21.54 -5.51
CA SER A 59 14.24 21.57 -6.96
C SER A 59 14.17 20.17 -7.58
N SER A 60 14.87 19.19 -7.00
CA SER A 60 14.93 17.84 -7.59
C SER A 60 13.76 16.94 -7.21
N GLY A 61 13.18 17.16 -6.05
CA GLY A 61 12.19 16.23 -5.48
C GLY A 61 12.74 14.86 -5.06
N LYS A 62 14.07 14.73 -5.11
N LYS A 62 14.06 14.62 -5.18
CA LYS A 62 14.73 13.45 -4.81
CA LYS A 62 14.63 13.29 -4.85
C LYS A 62 14.89 13.26 -3.29
C LYS A 62 14.97 13.14 -3.36
N VAL A 63 14.24 12.24 -2.73
CA VAL A 63 14.36 12.01 -1.29
C VAL A 63 14.82 10.58 -1.09
N GLN A 64 15.87 10.39 -0.28
CA GLN A 64 16.38 9.05 -0.03
C GLN A 64 16.63 8.87 1.46
N VAL A 65 16.21 7.72 1.99
CA VAL A 65 16.46 7.33 3.37
C VAL A 65 17.55 6.25 3.39
N GLN A 66 18.55 6.48 4.24
CA GLN A 66 19.56 5.49 4.49
C GLN A 66 19.63 5.20 5.98
N VAL A 67 19.92 3.95 6.32
CA VAL A 67 20.00 3.56 7.73
C VAL A 67 21.27 2.77 7.96
N SER A 68 21.95 3.10 9.04
CA SER A 68 23.13 2.33 9.40
C SER A 68 23.22 2.09 10.89
N VAL A 69 23.91 1.02 11.24
CA VAL A 69 24.13 0.63 12.60
C VAL A 69 25.59 0.25 12.65
N ASN A 70 26.34 0.98 13.48
CA ASN A 70 27.80 0.81 13.59
C ASN A 70 28.54 0.90 12.25
N GLY A 71 28.11 1.84 11.42
CA GLY A 71 28.75 2.11 10.14
C GLY A 71 28.32 1.15 9.03
N ARG A 72 27.56 0.12 9.38
CA ARG A 72 27.11 -0.87 8.39
C ARG A 72 25.71 -0.52 7.93
N PRO A 73 25.52 -0.37 6.61
CA PRO A 73 24.19 -0.06 6.07
C PRO A 73 23.19 -1.18 6.33
N SER A 74 22.02 -0.82 6.82
CA SER A 74 20.99 -1.82 7.04
C SER A 74 20.33 -2.14 5.71
N ASP A 75 19.79 -3.35 5.63
CA ASP A 75 19.01 -3.74 4.45
C ASP A 75 17.65 -3.06 4.56
N LEU A 76 17.25 -2.39 3.48
CA LEU A 76 16.02 -1.60 3.50
C LEU A 76 14.86 -2.26 2.76
N VAL A 77 13.64 -2.05 3.26
CA VAL A 77 12.43 -2.34 2.48
C VAL A 77 11.59 -1.06 2.45
N SER A 78 10.87 -0.83 1.36
CA SER A 78 10.11 0.43 1.23
C SER A 78 8.95 0.31 0.24
N ALA A 79 7.99 1.21 0.37
CA ALA A 79 6.93 1.37 -0.61
C ALA A 79 6.29 2.73 -0.40
N GLN A 80 5.52 3.17 -1.38
CA GLN A 80 4.71 4.37 -1.21
C GLN A 80 3.25 4.01 -1.36
N VAL A 81 2.40 4.59 -0.51
N VAL A 81 2.41 4.58 -0.48
CA VAL A 81 0.95 4.36 -0.62
CA VAL A 81 0.97 4.39 -0.55
C VAL A 81 0.23 5.70 -0.62
C VAL A 81 0.33 5.77 -0.75
N ILE A 82 -0.75 5.82 -1.52
CA ILE A 82 -1.50 7.07 -1.70
C ILE A 82 -2.97 6.79 -1.41
N LEU A 83 -3.53 7.56 -0.49
CA LEU A 83 -4.92 7.39 -0.07
C LEU A 83 -5.76 8.50 -0.65
N THR A 84 -6.97 8.14 -1.08
CA THR A 84 -7.92 9.05 -1.76
C THR A 84 -7.26 10.01 -2.78
N ASN A 85 -6.23 9.50 -3.48
CA ASN A 85 -5.53 10.24 -4.54
C ASN A 85 -4.92 11.55 -4.05
N GLU A 86 -4.70 11.68 -2.75
CA GLU A 86 -4.23 12.94 -2.15
C GLU A 86 -3.13 12.79 -1.11
N LEU A 87 -3.26 11.77 -0.28
CA LEU A 87 -2.43 11.67 0.92
C LEU A 87 -1.34 10.63 0.67
N ASN A 88 -0.09 11.07 0.78
CA ASN A 88 1.06 10.23 0.49
C ASN A 88 1.84 9.77 1.72
N PHE A 89 2.17 8.48 1.74
CA PHE A 89 3.08 7.92 2.73
C PHE A 89 4.21 7.20 1.99
N ALA A 90 5.44 7.53 2.35
CA ALA A 90 6.60 6.79 1.87
C ALA A 90 7.12 6.07 3.12
N LEU A 91 7.18 4.75 3.05
CA LEU A 91 7.43 3.92 4.23
C LEU A 91 8.74 3.16 4.06
N VAL A 92 9.50 3.08 5.15
CA VAL A 92 10.81 2.41 5.12
C VAL A 92 10.98 1.57 6.36
N GLY A 93 11.40 0.32 6.15
CA GLY A 93 11.77 -0.59 7.24
C GLY A 93 13.23 -0.93 7.00
N SER A 94 13.91 -1.41 8.03
CA SER A 94 15.33 -1.73 7.91
C SER A 94 15.71 -2.86 8.85
N GLU A 95 16.69 -3.65 8.42
CA GLU A 95 17.15 -4.81 9.19
C GLU A 95 18.65 -4.68 9.43
N ASP A 96 19.05 -4.73 10.69
CA ASP A 96 20.46 -4.54 11.06
C ASP A 96 21.13 -5.85 11.50
N GLY A 97 20.36 -6.94 11.50
CA GLY A 97 20.83 -8.18 12.11
C GLY A 97 20.36 -9.42 11.37
N THR A 98 19.93 -10.42 12.14
CA THR A 98 19.68 -11.76 11.62
C THR A 98 18.25 -12.26 11.87
N ASP A 99 17.41 -11.45 12.52
CA ASP A 99 16.07 -11.93 12.86
C ASP A 99 14.99 -11.55 11.82
N ASN A 100 15.39 -10.73 10.84
CA ASN A 100 14.51 -10.34 9.73
C ASN A 100 13.15 -9.79 10.18
N ASP A 101 13.16 -9.02 11.25
CA ASP A 101 11.93 -8.29 11.61
C ASP A 101 11.76 -6.96 10.85
N TYR A 102 12.86 -6.39 10.30
CA TYR A 102 12.80 -5.18 9.46
C TYR A 102 12.21 -3.93 10.14
N ASN A 103 12.25 -3.92 11.45
CA ASN A 103 11.66 -2.80 12.21
C ASN A 103 12.76 -2.04 12.97
N ASP A 104 14.02 -2.36 12.68
CA ASP A 104 15.12 -1.88 13.53
C ASP A 104 15.19 -0.37 13.52
N ALA A 105 15.03 0.19 12.33
CA ALA A 105 14.63 1.59 12.20
C ALA A 105 13.48 1.60 11.24
N VAL A 106 12.42 2.29 11.64
CA VAL A 106 11.22 2.45 10.84
C VAL A 106 11.10 3.93 10.52
N VAL A 107 10.99 4.25 9.23
CA VAL A 107 10.92 5.64 8.80
C VAL A 107 9.64 5.90 8.03
N VAL A 108 8.94 6.97 8.42
CA VAL A 108 7.70 7.36 7.77
C VAL A 108 7.86 8.78 7.21
N ILE A 109 7.64 8.89 5.92
CA ILE A 109 7.62 10.18 5.22
C ILE A 109 6.20 10.45 4.79
N ASN A 110 5.73 11.66 5.03
CA ASN A 110 4.37 12.04 4.67
C ASN A 110 4.23 13.43 4.05
N TRP A 111 3.33 13.52 3.09
CA TRP A 111 3.03 14.78 2.43
C TRP A 111 1.69 14.65 1.71
N PRO A 112 1.01 15.77 1.39
CA PRO A 112 1.41 17.14 1.72
C PRO A 112 1.19 17.44 3.21
N LEU A 113 1.82 18.52 3.67
CA LEU A 113 1.63 19.04 5.00
C LEU A 113 0.74 20.30 4.94
N GLY A 114 0.49 20.90 6.09
CA GLY A 114 -0.24 22.14 6.14
C GLY A 114 -1.74 21.98 6.19
N ALA B 1 16.13 -8.06 1.14
CA ALA B 1 15.01 -8.75 1.85
C ALA B 1 14.32 -9.70 0.91
N THR B 2 13.76 -10.78 1.45
CA THR B 2 12.94 -11.73 0.68
C THR B 2 11.77 -10.95 0.08
N GLN B 3 11.49 -11.22 -1.20
CA GLN B 3 10.35 -10.63 -1.90
C GLN B 3 9.56 -11.71 -2.59
N GLY B 4 8.28 -11.43 -2.81
CA GLY B 4 7.42 -12.36 -3.53
C GLY B 4 6.92 -13.51 -2.68
N VAL B 5 7.11 -13.41 -1.35
CA VAL B 5 6.61 -14.43 -0.41
C VAL B 5 5.52 -13.83 0.48
N PHE B 6 4.38 -14.51 0.56
CA PHE B 6 3.24 -13.97 1.29
C PHE B 6 2.60 -15.03 2.16
N THR B 7 2.28 -14.67 3.40
CA THR B 7 1.54 -15.58 4.27
C THR B 7 0.05 -15.26 4.20
N LEU B 8 -0.74 -16.18 3.63
CA LEU B 8 -2.20 -16.00 3.59
C LEU B 8 -2.81 -16.74 4.75
N PRO B 9 -4.08 -16.40 5.10
CA PRO B 9 -4.71 -17.26 6.10
C PRO B 9 -4.77 -18.68 5.54
N ALA B 10 -4.62 -19.69 6.40
CA ALA B 10 -4.76 -21.08 5.96
C ALA B 10 -6.11 -21.29 5.27
N ASN B 11 -6.11 -22.17 4.28
CA ASN B 11 -7.34 -22.62 3.59
C ASN B 11 -8.19 -21.47 3.08
N THR B 12 -7.54 -20.57 2.35
CA THR B 12 -8.15 -19.41 1.75
C THR B 12 -8.03 -19.51 0.25
N ARG B 13 -9.16 -19.35 -0.44
CA ARG B 13 -9.17 -19.21 -1.90
C ARG B 13 -8.50 -17.90 -2.30
N PHE B 14 -7.67 -17.91 -3.34
CA PHE B 14 -7.10 -16.66 -3.83
C PHE B 14 -6.92 -16.71 -5.33
N GLY B 15 -6.96 -15.54 -5.95
CA GLY B 15 -6.67 -15.39 -7.38
C GLY B 15 -5.22 -15.02 -7.56
N VAL B 16 -4.62 -15.51 -8.65
CA VAL B 16 -3.28 -15.06 -9.03
C VAL B 16 -3.26 -14.80 -10.53
N THR B 17 -2.74 -13.64 -10.90
CA THR B 17 -2.81 -13.13 -12.28
C THR B 17 -1.48 -12.50 -12.64
N ALA B 18 -0.98 -12.84 -13.82
CA ALA B 18 0.33 -12.40 -14.28
C ALA B 18 0.20 -11.63 -15.59
N PHE B 19 0.91 -10.51 -15.65
CA PHE B 19 0.96 -9.60 -16.81
C PHE B 19 2.38 -9.52 -17.32
N ALA B 20 2.55 -9.43 -18.65
CA ALA B 20 3.91 -9.30 -19.22
C ALA B 20 4.12 -7.96 -19.92
N ASN B 21 5.31 -7.39 -19.69
CA ASN B 21 5.74 -6.12 -20.29
C ASN B 21 7.24 -6.16 -20.57
N SER B 22 7.64 -6.96 -21.54
CA SER B 22 9.07 -7.15 -21.87
C SER B 22 9.23 -7.80 -23.23
N SER B 23 10.38 -7.57 -23.89
CA SER B 23 10.70 -8.33 -25.09
C SER B 23 10.99 -9.81 -24.78
N GLY B 24 11.35 -10.09 -23.52
CA GLY B 24 11.64 -11.44 -23.08
C GLY B 24 10.42 -12.26 -22.68
N THR B 25 10.44 -13.55 -22.99
CA THR B 25 9.36 -14.44 -22.55
C THR B 25 9.44 -14.60 -21.03
N GLN B 26 8.37 -14.23 -20.34
CA GLN B 26 8.25 -14.40 -18.89
C GLN B 26 7.76 -15.80 -18.51
N THR B 27 8.38 -16.40 -17.49
CA THR B 27 7.85 -17.59 -16.85
C THR B 27 7.51 -17.28 -15.39
N VAL B 28 6.24 -17.41 -15.03
CA VAL B 28 5.79 -17.14 -13.68
C VAL B 28 5.39 -18.44 -13.04
N ASN B 29 6.00 -18.73 -11.88
CA ASN B 29 5.61 -19.90 -11.10
C ASN B 29 5.03 -19.45 -9.78
N VAL B 30 3.95 -20.09 -9.41
CA VAL B 30 3.26 -19.79 -8.17
C VAL B 30 3.34 -21.04 -7.31
N LEU B 31 3.99 -20.90 -6.16
CA LEU B 31 4.15 -22.04 -5.25
C LEU B 31 3.21 -21.89 -4.06
N VAL B 32 2.61 -23.00 -3.65
CA VAL B 32 1.83 -23.04 -2.42
C VAL B 32 2.46 -24.13 -1.59
N ASN B 33 2.83 -23.81 -0.35
CA ASN B 33 3.55 -24.76 0.51
C ASN B 33 4.79 -25.33 -0.19
N ASN B 34 5.50 -24.47 -0.92
CA ASN B 34 6.78 -24.79 -1.58
C ASN B 34 6.66 -25.76 -2.76
N GLU B 35 5.43 -25.95 -3.24
CA GLU B 35 5.17 -26.78 -4.41
C GLU B 35 4.47 -25.96 -5.48
N THR B 36 4.95 -26.06 -6.72
CA THR B 36 4.33 -25.35 -7.84
C THR B 36 2.87 -25.69 -7.98
N ALA B 37 2.05 -24.64 -7.94
CA ALA B 37 0.61 -24.76 -8.02
C ALA B 37 0.04 -24.18 -9.31
N ALA B 38 0.77 -23.22 -9.91
CA ALA B 38 0.40 -22.68 -11.22
C ALA B 38 1.62 -22.18 -11.96
N THR B 39 1.59 -22.30 -13.28
CA THR B 39 2.65 -21.77 -14.10
C THR B 39 2.06 -21.08 -15.33
N PHE B 40 2.61 -19.91 -15.64
CA PHE B 40 2.22 -19.14 -16.83
C PHE B 40 3.47 -18.72 -17.58
N SER B 41 3.40 -18.75 -18.91
CA SER B 41 4.48 -18.26 -19.76
C SER B 41 3.94 -17.45 -20.91
N GLY B 42 4.69 -16.43 -21.31
CA GLY B 42 4.29 -15.65 -22.46
C GLY B 42 5.11 -14.39 -22.62
N GLN B 43 5.03 -13.83 -23.82
CA GLN B 43 5.74 -12.62 -24.11
C GLN B 43 4.70 -11.57 -24.55
N SER B 44 4.84 -10.39 -23.98
CA SER B 44 4.01 -9.23 -24.32
C SER B 44 4.73 -7.97 -23.93
N THR B 45 4.55 -6.93 -24.72
CA THR B 45 4.98 -5.58 -24.32
C THR B 45 3.73 -4.72 -24.17
N ASN B 46 2.57 -5.37 -24.12
CA ASN B 46 1.28 -4.67 -23.99
C ASN B 46 0.44 -5.19 -22.83
N ASN B 47 1.10 -5.66 -21.78
CA ASN B 47 0.40 -6.04 -20.56
C ASN B 47 -0.57 -7.21 -20.74
N ALA B 48 -0.27 -8.13 -21.66
CA ALA B 48 -1.10 -9.33 -21.79
C ALA B 48 -1.24 -10.03 -20.44
N VAL B 49 -2.43 -10.57 -20.20
CA VAL B 49 -2.61 -11.48 -19.06
C VAL B 49 -2.11 -12.85 -19.47
N ILE B 50 -0.85 -13.13 -19.15
CA ILE B 50 -0.26 -14.39 -19.57
C ILE B 50 -0.83 -15.60 -18.82
N GLY B 51 -1.51 -15.32 -17.71
CA GLY B 51 -2.29 -16.34 -17.04
C GLY B 51 -3.00 -15.84 -15.82
N THR B 52 -4.11 -16.49 -15.50
CA THR B 52 -4.80 -16.22 -14.26
C THR B 52 -5.33 -17.56 -13.76
N GLN B 53 -5.38 -17.70 -12.46
CA GLN B 53 -5.77 -18.96 -11.88
C GLN B 53 -6.33 -18.70 -10.49
N VAL B 54 -7.18 -19.60 -10.02
N VAL B 54 -7.14 -19.63 -10.02
CA VAL B 54 -7.61 -19.58 -8.64
CA VAL B 54 -7.64 -19.61 -8.66
C VAL B 54 -7.02 -20.78 -7.92
C VAL B 54 -7.03 -20.79 -7.91
N LEU B 55 -6.50 -20.52 -6.72
CA LEU B 55 -5.86 -21.54 -5.92
C LEU B 55 -6.36 -21.47 -4.49
N ASN B 56 -5.91 -22.42 -3.67
CA ASN B 56 -6.22 -22.40 -2.25
C ASN B 56 -4.89 -22.42 -1.47
N SER B 57 -4.78 -21.55 -0.48
CA SER B 57 -3.56 -21.40 0.31
C SER B 57 -3.23 -22.66 1.14
N GLY B 58 -4.21 -23.55 1.30
CA GLY B 58 -3.99 -24.84 1.99
C GLY B 58 -3.63 -24.71 3.45
N SER B 59 -3.06 -25.77 4.03
CA SER B 59 -2.82 -25.75 5.47
C SER B 59 -1.72 -24.77 5.92
N SER B 60 -0.75 -24.50 5.05
CA SER B 60 0.40 -23.66 5.41
C SER B 60 0.14 -22.18 5.26
N GLY B 61 -0.72 -21.84 4.29
CA GLY B 61 -0.93 -20.44 3.89
C GLY B 61 0.24 -19.78 3.17
N LYS B 62 1.31 -20.54 2.91
CA LYS B 62 2.52 -19.97 2.32
C LYS B 62 2.41 -19.94 0.81
N VAL B 63 2.46 -18.74 0.24
CA VAL B 63 2.38 -18.54 -1.21
C VAL B 63 3.61 -17.78 -1.67
N GLN B 64 4.26 -18.29 -2.71
CA GLN B 64 5.45 -17.64 -3.25
C GLN B 64 5.36 -17.50 -4.76
N VAL B 65 5.76 -16.33 -5.25
CA VAL B 65 5.82 -16.06 -6.68
C VAL B 65 7.28 -16.02 -7.13
N GLN B 66 7.59 -16.76 -8.19
CA GLN B 66 8.90 -16.70 -8.80
C GLN B 66 8.74 -16.30 -10.26
N VAL B 67 9.69 -15.51 -10.75
CA VAL B 67 9.68 -15.07 -12.13
C VAL B 67 11.05 -15.32 -12.75
N SER B 68 11.07 -15.97 -13.92
CA SER B 68 12.32 -16.16 -14.64
C SER B 68 12.17 -15.87 -16.13
N VAL B 69 13.27 -15.50 -16.78
CA VAL B 69 13.30 -15.21 -18.21
C VAL B 69 14.49 -15.93 -18.80
N ASN B 70 14.20 -16.85 -19.72
CA ASN B 70 15.19 -17.74 -20.34
C ASN B 70 16.17 -18.33 -19.32
N GLY B 71 15.60 -18.94 -18.28
CA GLY B 71 16.38 -19.61 -17.25
C GLY B 71 16.87 -18.78 -16.07
N ARG B 72 16.88 -17.45 -16.20
CA ARG B 72 17.40 -16.59 -15.14
C ARG B 72 16.29 -15.95 -14.32
N PRO B 73 16.37 -16.06 -12.98
CA PRO B 73 15.40 -15.42 -12.09
C PRO B 73 15.46 -13.91 -12.20
N SER B 74 14.30 -13.29 -12.29
CA SER B 74 14.22 -11.83 -12.31
C SER B 74 14.33 -11.30 -10.90
N ASP B 75 14.75 -10.04 -10.76
CA ASP B 75 14.80 -9.43 -9.44
C ASP B 75 13.37 -9.06 -9.07
N LEU B 76 12.93 -9.43 -7.87
CA LEU B 76 11.52 -9.14 -7.48
C LEU B 76 11.34 -8.00 -6.50
N VAL B 77 10.18 -7.35 -6.60
N VAL B 77 10.21 -7.30 -6.63
CA VAL B 77 9.78 -6.35 -5.61
CA VAL B 77 9.76 -6.34 -5.62
C VAL B 77 8.30 -6.61 -5.29
C VAL B 77 8.33 -6.75 -5.26
N SER B 78 7.94 -6.50 -4.02
CA SER B 78 6.62 -6.94 -3.57
C SER B 78 6.14 -6.19 -2.33
N ALA B 79 4.83 -6.20 -2.16
CA ALA B 79 4.21 -5.70 -0.95
C ALA B 79 2.81 -6.25 -0.88
N GLN B 80 2.21 -6.18 0.31
CA GLN B 80 0.81 -6.53 0.48
C GLN B 80 0.04 -5.32 0.98
N VAL B 81 -1.17 -5.09 0.43
N VAL B 81 -1.15 -5.10 0.42
CA VAL B 81 -2.02 -3.97 0.88
CA VAL B 81 -2.04 -4.03 0.87
C VAL B 81 -3.43 -4.47 1.17
C VAL B 81 -3.41 -4.60 1.25
N ILE B 82 -4.02 -3.98 2.26
CA ILE B 82 -5.34 -4.39 2.73
C ILE B 82 -6.23 -3.15 2.78
N LEU B 83 -7.34 -3.21 2.09
CA LEU B 83 -8.31 -2.14 2.07
C LEU B 83 -9.53 -2.50 2.90
N THR B 84 -10.08 -1.51 3.60
CA THR B 84 -11.19 -1.65 4.56
C THR B 84 -11.08 -2.89 5.47
N ASN B 85 -9.85 -3.20 5.88
CA ASN B 85 -9.56 -4.32 6.79
C ASN B 85 -10.06 -5.68 6.28
N GLU B 86 -10.24 -5.81 4.97
CA GLU B 86 -10.91 -6.98 4.43
C GLU B 86 -10.34 -7.48 3.08
N LEU B 87 -10.07 -6.54 2.18
CA LEU B 87 -9.72 -6.88 0.80
C LEU B 87 -8.22 -6.84 0.63
N ASN B 88 -7.63 -7.98 0.26
CA ASN B 88 -6.18 -8.12 0.24
C ASN B 88 -5.62 -8.16 -1.18
N PHE B 89 -4.52 -7.46 -1.37
CA PHE B 89 -3.74 -7.60 -2.60
C PHE B 89 -2.31 -7.89 -2.23
N ALA B 90 -1.72 -8.93 -2.83
CA ALA B 90 -0.29 -9.19 -2.70
C ALA B 90 0.27 -8.88 -4.10
N LEU B 91 1.21 -7.95 -4.16
CA LEU B 91 1.67 -7.35 -5.42
C LEU B 91 3.12 -7.71 -5.70
N VAL B 92 3.41 -8.12 -6.92
CA VAL B 92 4.78 -8.43 -7.30
C VAL B 92 5.14 -7.72 -8.60
N GLY B 93 6.31 -7.06 -8.60
CA GLY B 93 6.93 -6.60 -9.85
C GLY B 93 8.25 -7.31 -10.06
N SER B 94 8.78 -7.28 -11.27
CA SER B 94 10.02 -8.01 -11.55
C SER B 94 10.78 -7.32 -12.66
N GLU B 95 12.10 -7.44 -12.61
CA GLU B 95 12.97 -6.81 -13.59
C GLU B 95 13.92 -7.87 -14.17
N ASP B 96 13.89 -8.01 -15.50
CA ASP B 96 14.68 -9.02 -16.20
C ASP B 96 15.85 -8.40 -16.99
N GLY B 97 16.05 -7.10 -16.84
CA GLY B 97 16.98 -6.34 -17.69
C GLY B 97 17.65 -5.19 -16.96
N THR B 98 17.81 -4.07 -17.66
CA THR B 98 18.64 -2.98 -17.18
C THR B 98 17.89 -1.69 -16.93
N ASP B 99 16.67 -1.58 -17.44
CA ASP B 99 15.96 -0.29 -17.39
C ASP B 99 15.24 -0.05 -16.06
N ASN B 100 15.16 -1.08 -15.22
CA ASN B 100 14.53 -0.97 -13.90
C ASN B 100 13.10 -0.43 -13.94
N ASP B 101 12.32 -0.84 -14.93
CA ASP B 101 10.89 -0.49 -14.88
C ASP B 101 10.09 -1.44 -13.98
N TYR B 102 10.67 -2.62 -13.67
CA TYR B 102 10.06 -3.62 -12.77
C TYR B 102 8.65 -4.06 -13.14
N ASN B 103 8.32 -3.94 -14.43
CA ASN B 103 7.01 -4.33 -14.92
C ASN B 103 7.08 -5.57 -15.83
N ASP B 104 8.24 -6.20 -15.92
CA ASP B 104 8.48 -7.16 -17.00
C ASP B 104 7.57 -8.37 -16.86
N ALA B 105 7.42 -8.81 -15.62
CA ALA B 105 6.25 -9.58 -15.24
C ALA B 105 5.68 -8.95 -13.97
N VAL B 106 4.37 -8.72 -14.01
CA VAL B 106 3.69 -8.15 -12.87
C VAL B 106 2.72 -9.23 -12.41
N VAL B 107 2.71 -9.50 -11.11
CA VAL B 107 1.83 -10.53 -10.60
C VAL B 107 0.98 -9.95 -9.47
N VAL B 108 -0.33 -10.19 -9.57
CA VAL B 108 -1.26 -9.70 -8.56
C VAL B 108 -2.02 -10.88 -7.99
N ILE B 109 -2.01 -10.97 -6.67
CA ILE B 109 -2.73 -12.00 -5.94
C ILE B 109 -3.83 -11.27 -5.17
N ASN B 110 -5.04 -11.81 -5.20
CA ASN B 110 -6.13 -11.15 -4.51
C ASN B 110 -6.99 -12.14 -3.75
N TRP B 111 -7.43 -11.69 -2.58
CA TRP B 111 -8.39 -12.45 -1.80
C TRP B 111 -9.15 -11.47 -0.90
N PRO B 112 -10.33 -11.87 -0.37
CA PRO B 112 -11.00 -13.14 -0.54
C PRO B 112 -11.69 -13.23 -1.90
N LEU B 113 -12.11 -14.44 -2.23
CA LEU B 113 -12.86 -14.69 -3.45
C LEU B 113 -14.29 -15.00 -3.04
N GLY B 114 -15.18 -15.09 -4.02
CA GLY B 114 -16.53 -15.55 -3.80
C GLY B 114 -17.53 -14.42 -3.61
N ALA C 1 -17.31 2.62 2.84
CA ALA C 1 -16.75 1.50 3.66
C ALA C 1 -16.16 2.01 4.97
N THR C 2 -16.14 1.13 5.96
CA THR C 2 -15.50 1.46 7.25
C THR C 2 -14.03 1.79 7.01
N GLN C 3 -13.56 2.86 7.65
CA GLN C 3 -12.15 3.23 7.60
C GLN C 3 -11.62 3.44 9.01
N GLY C 4 -10.32 3.25 9.17
CA GLY C 4 -9.67 3.39 10.48
C GLY C 4 -9.82 2.21 11.43
N VAL C 5 -10.30 1.08 10.92
CA VAL C 5 -10.42 -0.15 11.71
C VAL C 5 -9.43 -1.19 11.22
N PHE C 6 -8.64 -1.76 12.14
CA PHE C 6 -7.60 -2.71 11.74
C PHE C 6 -7.58 -3.92 12.65
N THR C 7 -7.46 -5.11 12.04
CA THR C 7 -7.28 -6.31 12.85
C THR C 7 -5.80 -6.60 12.96
N LEU C 8 -5.25 -6.38 14.14
CA LEU C 8 -3.87 -6.74 14.43
C LEU C 8 -3.82 -8.16 14.98
N PRO C 9 -2.63 -8.77 14.99
CA PRO C 9 -2.56 -10.04 15.71
C PRO C 9 -2.86 -9.79 17.19
N ALA C 10 -3.50 -10.75 17.84
CA ALA C 10 -3.93 -10.58 19.23
C ALA C 10 -2.75 -10.44 20.17
N ASN C 11 -2.96 -9.70 21.26
CA ASN C 11 -1.98 -9.61 22.35
C ASN C 11 -0.57 -9.21 21.91
N THR C 12 -0.49 -8.24 21.01
CA THR C 12 0.77 -7.85 20.38
C THR C 12 0.93 -6.34 20.55
N ARG C 13 2.13 -5.94 20.98
CA ARG C 13 2.47 -4.51 21.10
C ARG C 13 2.54 -3.84 19.73
N PHE C 14 2.05 -2.61 19.65
CA PHE C 14 2.15 -1.83 18.42
C PHE C 14 2.37 -0.37 18.79
N GLY C 15 2.97 0.38 17.88
CA GLY C 15 3.16 1.81 18.07
C GLY C 15 1.99 2.54 17.40
N VAL C 16 1.54 3.62 18.02
CA VAL C 16 0.58 4.51 17.36
C VAL C 16 1.07 5.93 17.54
N THR C 17 1.12 6.65 16.43
CA THR C 17 1.66 8.01 16.36
C THR C 17 0.75 8.88 15.53
N ALA C 18 0.50 10.12 16.02
CA ALA C 18 -0.41 11.06 15.32
C ALA C 18 0.30 12.38 14.98
N PHE C 19 0.01 12.88 13.79
CA PHE C 19 0.56 14.13 13.28
C PHE C 19 -0.60 15.07 12.97
N ALA C 20 -0.39 16.36 13.18
CA ALA C 20 -1.44 17.36 12.93
C ALA C 20 -1.04 18.28 11.77
N ASN C 21 -2.00 18.57 10.89
CA ASN C 21 -1.78 19.50 9.78
C ASN C 21 -3.07 20.25 9.48
N SER C 22 -3.49 21.11 10.42
CA SER C 22 -4.75 21.81 10.30
C SER C 22 -4.76 23.01 11.21
N SER C 23 -5.54 24.03 10.86
N SER C 23 -5.54 24.03 10.84
CA SER C 23 -5.77 25.16 11.77
CA SER C 23 -5.82 25.16 11.71
C SER C 23 -6.66 24.72 12.95
C SER C 23 -6.69 24.73 12.92
N GLY C 24 -7.45 23.67 12.74
CA GLY C 24 -8.30 23.12 13.81
C GLY C 24 -7.55 22.20 14.78
N THR C 25 -7.88 22.29 16.07
CA THR C 25 -7.27 21.40 17.06
C THR C 25 -7.78 19.97 16.84
N GLN C 26 -6.85 19.05 16.66
CA GLN C 26 -7.19 17.64 16.42
C GLN C 26 -7.33 16.89 17.73
N THR C 27 -8.26 15.95 17.78
CA THR C 27 -8.34 14.99 18.88
C THR C 27 -8.39 13.60 18.26
N VAL C 28 -7.40 12.79 18.57
CA VAL C 28 -7.31 11.44 18.02
C VAL C 28 -7.56 10.42 19.12
N ASN C 29 -8.57 9.58 18.94
CA ASN C 29 -8.83 8.51 19.88
C ASN C 29 -8.44 7.14 19.31
N VAL C 30 -7.72 6.37 20.09
CA VAL C 30 -7.34 5.02 19.70
C VAL C 30 -8.07 4.03 20.60
N LEU C 31 -8.88 3.20 19.97
CA LEU C 31 -9.70 2.21 20.66
C LEU C 31 -9.05 0.84 20.53
N VAL C 32 -8.97 0.13 21.64
CA VAL C 32 -8.57 -1.27 21.63
C VAL C 32 -9.73 -2.03 22.21
N ASN C 33 -10.23 -2.99 21.42
CA ASN C 33 -11.43 -3.74 21.75
C ASN C 33 -12.55 -2.81 22.20
N ASN C 34 -12.79 -1.79 21.39
CA ASN C 34 -13.92 -0.86 21.52
C ASN C 34 -13.88 -0.02 22.80
N GLU C 35 -12.71 0.11 23.39
CA GLU C 35 -12.50 0.97 24.55
C GLU C 35 -11.33 1.88 24.28
N THR C 36 -11.46 3.17 24.59
CA THR C 36 -10.37 4.12 24.39
C THR C 36 -9.14 3.67 25.17
N ALA C 37 -8.03 3.52 24.46
CA ALA C 37 -6.77 3.13 25.07
C ALA C 37 -5.76 4.27 25.05
N ALA C 38 -5.92 5.20 24.11
CA ALA C 38 -5.09 6.40 24.06
C ALA C 38 -5.81 7.56 23.39
N THR C 39 -5.45 8.78 23.79
N THR C 39 -5.50 8.77 23.81
CA THR C 39 -6.02 10.00 23.23
CA THR C 39 -6.01 9.96 23.14
C THR C 39 -4.92 11.03 23.03
C THR C 39 -4.91 11.00 23.01
N PHE C 40 -4.82 11.58 21.83
CA PHE C 40 -3.81 12.58 21.52
C PHE C 40 -4.51 13.84 21.01
N SER C 41 -3.93 14.99 21.29
CA SER C 41 -4.52 16.24 20.81
C SER C 41 -3.42 17.29 20.60
N GLY C 42 -3.63 18.15 19.60
CA GLY C 42 -2.74 19.27 19.36
C GLY C 42 -3.22 20.08 18.18
N GLN C 43 -2.47 21.14 17.85
CA GLN C 43 -2.80 21.99 16.72
C GLN C 43 -1.52 22.46 16.04
N SER C 44 -1.36 22.08 14.78
CA SER C 44 -0.17 22.42 14.03
C SER C 44 -0.55 22.39 12.57
N THR C 45 0.05 23.28 11.77
CA THR C 45 0.00 23.15 10.32
C THR C 45 1.37 22.73 9.77
N ASN C 46 2.18 22.14 10.66
CA ASN C 46 3.51 21.72 10.29
C ASN C 46 3.87 20.33 10.82
N ASN C 47 2.88 19.43 10.84
CA ASN C 47 3.13 18.00 11.09
C ASN C 47 3.65 17.65 12.49
N ALA C 48 3.27 18.45 13.49
CA ALA C 48 3.65 18.18 14.87
C ALA C 48 3.22 16.77 15.26
N VAL C 49 4.10 16.07 15.97
CA VAL C 49 3.78 14.75 16.49
C VAL C 49 3.06 14.94 17.82
N ILE C 50 1.73 15.05 17.72
CA ILE C 50 0.91 15.37 18.87
C ILE C 50 0.81 14.24 19.90
N GLY C 51 1.14 13.02 19.50
CA GLY C 51 1.18 11.91 20.41
C GLY C 51 1.85 10.71 19.81
N THR C 52 2.50 9.93 20.67
CA THR C 52 3.07 8.63 20.27
C THR C 52 3.04 7.73 21.50
N GLN C 53 2.66 6.47 21.30
N GLN C 53 2.67 6.47 21.30
CA GLN C 53 2.44 5.57 22.41
CA GLN C 53 2.39 5.57 22.41
C GLN C 53 2.56 4.13 21.95
C GLN C 53 2.54 4.11 21.94
N VAL C 54 2.95 3.24 22.87
CA VAL C 54 2.98 1.80 22.62
C VAL C 54 1.78 1.22 23.34
N LEU C 55 0.95 0.49 22.60
CA LEU C 55 -0.22 -0.16 23.16
C LEU C 55 -0.17 -1.64 22.87
N ASN C 56 -0.98 -2.42 23.60
CA ASN C 56 -1.19 -3.83 23.29
C ASN C 56 -2.54 -4.02 22.61
N SER C 57 -2.54 -4.82 21.54
CA SER C 57 -3.71 -5.05 20.72
C SER C 57 -4.83 -5.84 21.42
N GLY C 58 -4.50 -6.47 22.56
CA GLY C 58 -5.52 -7.14 23.39
C GLY C 58 -6.05 -8.44 22.79
N SER C 59 -7.08 -9.02 23.42
CA SER C 59 -7.57 -10.36 23.03
C SER C 59 -8.12 -10.46 21.59
N SER C 60 -8.76 -9.39 21.10
CA SER C 60 -9.38 -9.39 19.76
C SER C 60 -8.45 -8.90 18.64
N GLY C 61 -7.47 -8.08 19.02
CA GLY C 61 -6.56 -7.44 18.06
C GLY C 61 -7.23 -6.29 17.32
N LYS C 62 -8.49 -5.99 17.65
CA LYS C 62 -9.22 -4.91 16.97
C LYS C 62 -8.76 -3.53 17.43
N VAL C 63 -8.21 -2.77 16.50
CA VAL C 63 -7.75 -1.41 16.83
C VAL C 63 -8.51 -0.45 15.92
N GLN C 64 -9.07 0.60 16.51
CA GLN C 64 -9.85 1.59 15.77
C GLN C 64 -9.36 2.98 16.09
N VAL C 65 -9.20 3.77 15.04
CA VAL C 65 -8.80 5.16 15.15
C VAL C 65 -9.99 6.04 14.82
N GLN C 66 -10.25 7.01 15.69
CA GLN C 66 -11.29 8.02 15.46
C GLN C 66 -10.69 9.41 15.66
N VAL C 67 -11.12 10.37 14.83
CA VAL C 67 -10.60 11.72 14.87
C VAL C 67 -11.76 12.71 14.93
N SER C 68 -11.64 13.71 15.80
CA SER C 68 -12.62 14.77 15.85
C SER C 68 -11.94 16.13 15.99
N VAL C 69 -12.64 17.17 15.52
CA VAL C 69 -12.17 18.55 15.55
C VAL C 69 -13.37 19.34 16.06
N ASN C 70 -13.18 20.04 17.19
CA ASN C 70 -14.30 20.71 17.89
C ASN C 70 -15.56 19.83 18.00
N GLY C 71 -15.35 18.57 18.41
CA GLY C 71 -16.43 17.61 18.61
C GLY C 71 -17.06 17.01 17.35
N ARG C 72 -16.58 17.41 16.18
CA ARG C 72 -17.11 16.93 14.90
C ARG C 72 -16.22 15.79 14.39
N PRO C 73 -16.81 14.62 14.09
CA PRO C 73 -15.94 13.55 13.58
C PRO C 73 -15.42 13.88 12.20
N SER C 74 -14.13 13.67 11.99
CA SER C 74 -13.51 13.89 10.70
C SER C 74 -13.78 12.69 9.79
N ASP C 75 -13.73 12.91 8.49
CA ASP C 75 -13.88 11.81 7.53
C ASP C 75 -12.53 11.09 7.41
N LEU C 76 -12.56 9.77 7.50
CA LEU C 76 -11.32 8.96 7.51
C LEU C 76 -11.06 8.21 6.21
N VAL C 77 -9.77 8.06 5.91
CA VAL C 77 -9.28 7.14 4.90
C VAL C 77 -8.19 6.28 5.55
N SER C 78 -8.06 5.04 5.12
CA SER C 78 -7.10 4.15 5.76
C SER C 78 -6.68 3.02 4.84
N ALA C 79 -5.51 2.44 5.12
CA ALA C 79 -5.13 1.17 4.51
C ALA C 79 -4.07 0.53 5.38
N GLN C 80 -3.84 -0.76 5.18
CA GLN C 80 -2.70 -1.42 5.83
C GLN C 80 -1.74 -1.87 4.75
N VAL C 81 -0.45 -1.76 5.01
N VAL C 81 -0.45 -1.76 4.98
CA VAL C 81 0.61 -2.16 4.09
CA VAL C 81 0.55 -2.25 4.03
C VAL C 81 1.56 -3.10 4.83
C VAL C 81 1.61 -3.04 4.77
N ILE C 82 2.02 -4.15 4.15
CA ILE C 82 2.96 -5.10 4.73
C ILE C 82 4.16 -5.21 3.82
N LEU C 83 5.34 -4.98 4.38
CA LEU C 83 6.60 -5.12 3.63
C LEU C 83 7.35 -6.37 4.05
N THR C 84 7.97 -7.00 3.05
CA THR C 84 8.69 -8.29 3.17
C THR C 84 7.98 -9.31 4.07
N ASN C 85 6.64 -9.30 4.00
CA ASN C 85 5.79 -10.26 4.72
C ASN C 85 5.97 -10.25 6.25
N GLU C 86 6.49 -9.13 6.78
N GLU C 86 6.42 -9.13 6.81
CA GLU C 86 6.94 -9.06 8.19
CA GLU C 86 6.71 -9.05 8.25
C GLU C 86 6.62 -7.73 8.88
C GLU C 86 6.35 -7.69 8.84
N LEU C 87 6.70 -6.63 8.13
CA LEU C 87 6.62 -5.28 8.68
C LEU C 87 5.28 -4.64 8.32
N ASN C 88 4.51 -4.28 9.34
CA ASN C 88 3.14 -3.81 9.15
C ASN C 88 2.96 -2.34 9.46
N PHE C 89 2.22 -1.65 8.59
CA PHE C 89 1.83 -0.26 8.82
C PHE C 89 0.33 -0.18 8.63
N ALA C 90 -0.38 0.38 9.60
CA ALA C 90 -1.78 0.74 9.39
C ALA C 90 -1.81 2.26 9.37
N LEU C 91 -2.45 2.78 8.34
CA LEU C 91 -2.32 4.18 8.02
C LEU C 91 -3.69 4.81 7.98
N VAL C 92 -3.78 6.01 8.55
CA VAL C 92 -5.04 6.76 8.60
C VAL C 92 -4.78 8.21 8.22
N GLY C 93 -5.62 8.73 7.33
CA GLY C 93 -5.74 10.15 7.07
C GLY C 93 -7.14 10.62 7.47
N SER C 94 -7.29 11.91 7.72
CA SER C 94 -8.59 12.44 8.14
C SER C 94 -8.81 13.85 7.59
N GLU C 95 -10.06 14.20 7.35
CA GLU C 95 -10.40 15.50 6.79
C GLU C 95 -11.44 16.20 7.67
N ASP C 96 -11.10 17.40 8.11
CA ASP C 96 -11.94 18.16 9.04
C ASP C 96 -12.70 19.30 8.38
N GLY C 97 -12.52 19.43 7.06
CA GLY C 97 -12.89 20.64 6.33
C GLY C 97 -13.30 20.33 4.91
N THR C 98 -12.95 21.22 4.00
CA THR C 98 -13.46 21.14 2.64
C THR C 98 -12.37 21.00 1.58
N ASP C 99 -11.11 21.15 1.98
CA ASP C 99 -10.02 21.12 1.00
C ASP C 99 -9.59 19.71 0.59
N ASN C 100 -10.03 18.70 1.34
CA ASN C 100 -9.74 17.31 1.02
C ASN C 100 -8.25 17.02 0.87
N ASP C 101 -7.44 17.60 1.73
CA ASP C 101 -6.04 17.17 1.76
C ASP C 101 -5.88 15.90 2.60
N TYR C 102 -6.87 15.62 3.45
CA TYR C 102 -6.89 14.40 4.30
C TYR C 102 -5.66 14.21 5.20
N ASN C 103 -4.99 15.31 5.52
CA ASN C 103 -3.78 15.25 6.36
C ASN C 103 -4.02 15.93 7.71
N ASP C 104 -5.27 16.30 7.99
CA ASP C 104 -5.54 17.18 9.12
C ASP C 104 -5.11 16.55 10.45
N ALA C 105 -5.42 15.27 10.58
CA ALA C 105 -4.71 14.37 11.49
C ALA C 105 -4.32 13.13 10.71
N VAL C 106 -3.04 12.77 10.81
CA VAL C 106 -2.51 11.58 10.16
C VAL C 106 -2.07 10.65 11.28
N VAL C 107 -2.49 9.38 11.19
CA VAL C 107 -2.16 8.43 12.25
C VAL C 107 -1.44 7.23 11.62
N VAL C 108 -0.29 6.88 12.20
CA VAL C 108 0.48 5.72 11.76
C VAL C 108 0.58 4.70 12.88
N ILE C 109 0.15 3.48 12.59
CA ILE C 109 0.23 2.37 13.53
C ILE C 109 1.26 1.41 12.96
N ASN C 110 2.22 0.99 13.78
CA ASN C 110 3.26 0.06 13.29
C ASN C 110 3.54 -1.11 14.24
N TRP C 111 3.77 -2.25 13.63
CA TRP C 111 4.12 -3.46 14.35
C TRP C 111 4.82 -4.40 13.38
N PRO C 112 5.59 -5.37 13.89
CA PRO C 112 5.87 -5.61 15.32
C PRO C 112 6.91 -4.63 15.85
N LEU C 113 7.01 -4.56 17.17
CA LEU C 113 8.05 -3.78 17.82
C LEU C 113 9.14 -4.71 18.36
N GLY C 114 10.16 -4.13 18.97
CA GLY C 114 11.18 -4.92 19.68
C GLY C 114 12.41 -5.20 18.83
N ALA D 1 -14.64 9.64 1.95
CA ALA D 1 -13.70 10.19 0.91
C ALA D 1 -13.99 9.58 -0.44
N THR D 2 -13.65 10.34 -1.49
CA THR D 2 -13.76 9.87 -2.87
C THR D 2 -12.87 8.65 -3.01
N GLN D 3 -13.37 7.63 -3.70
CA GLN D 3 -12.62 6.40 -3.95
C GLN D 3 -12.70 6.09 -5.44
N GLY D 4 -11.71 5.37 -5.95
CA GLY D 4 -11.74 4.94 -7.35
C GLY D 4 -11.28 6.01 -8.34
N VAL D 5 -10.69 7.09 -7.84
CA VAL D 5 -10.18 8.17 -8.70
C VAL D 5 -8.67 8.22 -8.57
N PHE D 6 -7.97 8.30 -9.69
CA PHE D 6 -6.50 8.27 -9.71
C PHE D 6 -5.95 9.26 -10.71
N THR D 7 -4.88 9.94 -10.31
CA THR D 7 -4.17 10.82 -11.23
C THR D 7 -2.97 10.04 -11.73
N LEU D 8 -2.98 9.72 -13.03
CA LEU D 8 -1.83 9.08 -13.67
C LEU D 8 -0.98 10.12 -14.37
N PRO D 9 0.28 9.76 -14.69
CA PRO D 9 1.05 10.67 -15.52
C PRO D 9 0.31 10.87 -16.85
N ALA D 10 0.42 12.06 -17.44
CA ALA D 10 -0.27 12.37 -18.70
C ALA D 10 0.20 11.50 -19.84
N ASN D 11 -0.71 11.19 -20.77
CA ASN D 11 -0.37 10.52 -22.01
C ASN D 11 0.44 9.24 -21.81
N THR D 12 -0.02 8.40 -20.89
CA THR D 12 0.71 7.21 -20.48
C THR D 12 -0.21 6.02 -20.63
N ARG D 13 0.27 4.96 -21.28
CA ARG D 13 -0.51 3.72 -21.40
C ARG D 13 -0.62 3.08 -20.02
N PHE D 14 -1.79 2.52 -19.73
CA PHE D 14 -1.98 1.75 -18.49
C PHE D 14 -2.87 0.57 -18.75
N GLY D 15 -2.71 -0.48 -17.92
CA GLY D 15 -3.51 -1.68 -17.97
C GLY D 15 -4.67 -1.53 -17.02
N VAL D 16 -5.84 -2.02 -17.41
CA VAL D 16 -6.96 -2.14 -16.48
C VAL D 16 -7.56 -3.53 -16.64
N THR D 17 -7.77 -4.18 -15.51
CA THR D 17 -8.27 -5.56 -15.49
C THR D 17 -9.29 -5.65 -14.38
N ALA D 18 -10.41 -6.32 -14.66
CA ALA D 18 -11.45 -6.46 -13.66
C ALA D 18 -11.82 -7.91 -13.43
N PHE D 19 -12.04 -8.23 -12.16
CA PHE D 19 -12.36 -9.57 -11.71
C PHE D 19 -13.72 -9.50 -11.02
N ALA D 20 -14.49 -10.56 -11.13
CA ALA D 20 -15.81 -10.63 -10.48
C ALA D 20 -15.87 -11.71 -9.39
N ASN D 21 -16.54 -11.38 -8.29
CA ASN D 21 -16.75 -12.29 -7.17
C ASN D 21 -18.09 -11.98 -6.55
N SER D 22 -19.15 -12.24 -7.31
CA SER D 22 -20.49 -11.94 -6.87
C SER D 22 -21.49 -12.76 -7.69
N SER D 23 -22.65 -13.03 -7.11
N SER D 23 -22.65 -13.04 -7.12
CA SER D 23 -23.71 -13.72 -7.84
CA SER D 23 -23.71 -13.74 -7.86
C SER D 23 -24.41 -12.81 -8.85
C SER D 23 -24.42 -12.80 -8.85
N GLY D 24 -24.23 -11.49 -8.70
CA GLY D 24 -24.79 -10.52 -9.65
C GLY D 24 -23.79 -10.12 -10.73
N THR D 25 -24.27 -9.95 -11.96
CA THR D 25 -23.44 -9.42 -13.05
C THR D 25 -22.91 -8.03 -12.69
N GLN D 26 -21.59 -7.86 -12.83
CA GLN D 26 -20.94 -6.58 -12.53
C GLN D 26 -20.80 -5.74 -13.79
N THR D 27 -21.01 -4.42 -13.64
CA THR D 27 -20.76 -3.48 -14.72
C THR D 27 -19.64 -2.55 -14.25
N VAL D 28 -18.51 -2.62 -14.92
CA VAL D 28 -17.36 -1.79 -14.53
C VAL D 28 -17.13 -0.77 -15.62
N ASN D 29 -17.14 0.51 -15.23
CA ASN D 29 -16.86 1.58 -16.15
C ASN D 29 -15.54 2.23 -15.81
N VAL D 30 -14.70 2.39 -16.81
CA VAL D 30 -13.46 3.14 -16.66
C VAL D 30 -13.56 4.45 -17.42
N LEU D 31 -13.49 5.55 -16.67
CA LEU D 31 -13.55 6.90 -17.23
C LEU D 31 -12.16 7.51 -17.28
N VAL D 32 -11.86 8.15 -18.41
CA VAL D 32 -10.65 8.95 -18.55
C VAL D 32 -11.10 10.37 -18.93
N ASN D 33 -10.64 11.36 -18.17
CA ASN D 33 -11.14 12.74 -18.30
C ASN D 33 -12.67 12.83 -18.23
N ASN D 34 -13.27 12.03 -17.35
CA ASN D 34 -14.71 12.01 -17.12
C ASN D 34 -15.53 11.44 -18.26
N GLU D 35 -14.88 10.78 -19.21
CA GLU D 35 -15.58 10.15 -20.33
C GLU D 35 -15.29 8.65 -20.39
N THR D 36 -16.27 7.85 -20.82
CA THR D 36 -16.05 6.39 -20.90
C THR D 36 -14.89 6.02 -21.81
N ALA D 37 -13.92 5.27 -21.26
CA ALA D 37 -12.79 4.76 -22.02
C ALA D 37 -12.92 3.26 -22.22
N ALA D 38 -13.53 2.59 -21.24
CA ALA D 38 -13.81 1.15 -21.33
C ALA D 38 -14.98 0.77 -20.42
N THR D 39 -15.68 -0.29 -20.79
N THR D 39 -15.65 -0.32 -20.78
CA THR D 39 -16.76 -0.82 -19.95
CA THR D 39 -16.76 -0.85 -20.03
C THR D 39 -16.69 -2.34 -20.01
C THR D 39 -16.61 -2.37 -20.02
N PHE D 40 -16.71 -2.97 -18.84
CA PHE D 40 -16.66 -4.42 -18.73
C PHE D 40 -17.95 -4.91 -18.08
N SER D 41 -18.42 -6.06 -18.51
CA SER D 41 -19.59 -6.69 -17.87
C SER D 41 -19.34 -8.18 -17.79
N GLY D 42 -19.63 -8.78 -16.64
CA GLY D 42 -19.56 -10.22 -16.52
C GLY D 42 -19.97 -10.66 -15.15
N GLN D 43 -20.07 -11.98 -14.97
CA GLN D 43 -20.50 -12.53 -13.67
C GLN D 43 -19.65 -13.75 -13.32
N SER D 44 -19.16 -13.79 -12.09
CA SER D 44 -18.41 -14.94 -11.59
C SER D 44 -18.42 -14.84 -10.07
N THR D 45 -18.45 -15.98 -9.40
CA THR D 45 -18.15 -16.01 -7.97
C THR D 45 -16.80 -16.70 -7.74
N ASN D 46 -16.00 -16.76 -8.80
CA ASN D 46 -14.70 -17.39 -8.75
C ASN D 46 -13.59 -16.59 -9.44
N ASN D 47 -13.66 -15.26 -9.32
CA ASN D 47 -12.59 -14.36 -9.72
C ASN D 47 -12.31 -14.36 -11.21
N ALA D 48 -13.30 -14.71 -12.02
CA ALA D 48 -13.12 -14.64 -13.48
C ALA D 48 -12.71 -13.22 -13.92
N VAL D 49 -11.79 -13.14 -14.88
CA VAL D 49 -11.49 -11.84 -15.49
C VAL D 49 -12.65 -11.44 -16.41
N ILE D 50 -13.35 -10.37 -16.03
CA ILE D 50 -14.50 -9.93 -16.83
C ILE D 50 -14.10 -8.87 -17.85
N GLY D 51 -12.88 -8.35 -17.72
CA GLY D 51 -12.37 -7.45 -18.74
C GLY D 51 -10.92 -7.13 -18.51
N THR D 52 -10.21 -6.88 -19.61
CA THR D 52 -8.82 -6.40 -19.52
C THR D 52 -8.50 -5.61 -20.79
N GLN D 53 -7.83 -4.48 -20.63
CA GLN D 53 -7.65 -3.58 -21.75
C GLN D 53 -6.48 -2.66 -21.45
N VAL D 54 -5.82 -2.20 -22.51
CA VAL D 54 -4.81 -1.16 -22.38
C VAL D 54 -5.47 0.14 -22.82
N LEU D 55 -5.33 1.17 -21.98
CA LEU D 55 -5.89 2.48 -22.24
C LEU D 55 -4.79 3.51 -22.13
N ASN D 56 -5.10 4.74 -22.54
CA ASN D 56 -4.19 5.85 -22.41
C ASN D 56 -4.78 6.90 -21.47
N SER D 57 -3.97 7.36 -20.52
CA SER D 57 -4.39 8.36 -19.56
C SER D 57 -4.75 9.73 -20.19
N GLY D 58 -4.26 9.95 -21.41
CA GLY D 58 -4.58 11.14 -22.18
C GLY D 58 -4.06 12.42 -21.54
N SER D 59 -4.60 13.55 -21.97
CA SER D 59 -4.08 14.82 -21.50
C SER D 59 -4.42 15.15 -20.04
N SER D 60 -5.53 14.63 -19.50
CA SER D 60 -5.91 14.93 -18.11
C SER D 60 -5.18 14.08 -17.09
N GLY D 61 -4.87 12.84 -17.45
CA GLY D 61 -4.32 11.88 -16.49
C GLY D 61 -5.35 11.39 -15.47
N LYS D 62 -6.58 11.88 -15.60
CA LYS D 62 -7.63 11.53 -14.62
C LYS D 62 -8.32 10.22 -15.01
N VAL D 63 -8.17 9.21 -14.16
CA VAL D 63 -8.81 7.92 -14.37
C VAL D 63 -9.77 7.63 -13.21
N GLN D 64 -10.99 7.23 -13.54
CA GLN D 64 -11.98 6.91 -12.53
C GLN D 64 -12.63 5.58 -12.83
N VAL D 65 -12.71 4.73 -11.80
CA VAL D 65 -13.39 3.46 -11.91
C VAL D 65 -14.73 3.58 -11.22
N GLN D 66 -15.78 3.12 -11.89
CA GLN D 66 -17.11 3.05 -11.27
C GLN D 66 -17.58 1.61 -11.39
N VAL D 67 -18.34 1.15 -10.41
CA VAL D 67 -18.89 -0.21 -10.49
C VAL D 67 -20.35 -0.13 -10.10
N SER D 68 -21.19 -0.83 -10.86
CA SER D 68 -22.62 -0.88 -10.55
C SER D 68 -23.15 -2.27 -10.84
N VAL D 69 -24.24 -2.61 -10.17
CA VAL D 69 -24.91 -3.88 -10.41
C VAL D 69 -26.36 -3.49 -10.59
N ASN D 70 -26.94 -3.83 -11.73
N ASN D 70 -26.98 -3.84 -11.72
CA ASN D 70 -28.32 -3.45 -12.02
CA ASN D 70 -28.35 -3.37 -12.04
C ASN D 70 -28.50 -1.91 -11.98
C ASN D 70 -28.55 -1.87 -12.08
N GLY D 71 -27.49 -1.17 -12.44
CA GLY D 71 -27.52 0.29 -12.42
C GLY D 71 -27.37 0.93 -11.04
N ARG D 72 -27.26 0.10 -10.01
CA ARG D 72 -27.09 0.59 -8.64
C ARG D 72 -25.58 0.70 -8.35
N PRO D 73 -25.08 1.89 -7.97
CA PRO D 73 -23.63 2.04 -7.73
C PRO D 73 -23.17 1.24 -6.51
N SER D 74 -22.08 0.52 -6.68
CA SER D 74 -21.46 -0.21 -5.57
C SER D 74 -20.62 0.76 -4.76
N ASP D 75 -20.43 0.42 -3.48
CA ASP D 75 -19.54 1.18 -2.62
C ASP D 75 -18.11 0.79 -2.91
N LEU D 76 -17.25 1.78 -3.14
CA LEU D 76 -15.88 1.53 -3.55
C LEU D 76 -14.87 1.76 -2.45
N VAL D 77 -13.76 1.01 -2.53
N VAL D 77 -13.78 0.99 -2.51
CA VAL D 77 -12.57 1.25 -1.73
CA VAL D 77 -12.57 1.26 -1.73
C VAL D 77 -11.34 1.17 -2.65
C VAL D 77 -11.41 1.26 -2.72
N SER D 78 -10.37 2.04 -2.44
CA SER D 78 -9.23 2.12 -3.36
C SER D 78 -7.96 2.63 -2.69
N ALA D 79 -6.83 2.36 -3.32
CA ALA D 79 -5.56 2.98 -2.95
C ALA D 79 -4.61 2.83 -4.10
N GLN D 80 -3.52 3.59 -4.07
CA GLN D 80 -2.43 3.41 -5.01
C GLN D 80 -1.19 3.02 -4.22
N VAL D 81 -0.42 2.05 -4.74
N VAL D 81 -0.43 2.08 -4.78
CA VAL D 81 0.84 1.61 -4.12
CA VAL D 81 0.83 1.60 -4.20
C VAL D 81 1.93 1.61 -5.20
C VAL D 81 1.90 1.75 -5.27
N ILE D 82 3.10 2.13 -4.85
CA ILE D 82 4.21 2.28 -5.78
C ILE D 82 5.38 1.49 -5.21
N LEU D 83 5.91 0.58 -6.02
CA LEU D 83 7.03 -0.25 -5.58
C LEU D 83 8.28 0.24 -6.29
N THR D 84 9.40 0.23 -5.53
CA THR D 84 10.72 0.66 -6.00
C THR D 84 10.71 2.00 -6.75
N ASN D 85 9.80 2.89 -6.34
CA ASN D 85 9.64 4.23 -6.91
C ASN D 85 9.37 4.23 -8.42
N GLU D 86 8.87 3.12 -8.95
N GLU D 86 8.84 3.13 -8.96
CA GLU D 86 8.74 2.91 -10.40
CA GLU D 86 8.74 2.96 -10.41
C GLU D 86 7.40 2.32 -10.81
C GLU D 86 7.48 2.23 -10.89
N LEU D 87 7.00 1.28 -10.09
CA LEU D 87 5.88 0.41 -10.50
C LEU D 87 4.61 0.77 -9.78
N ASN D 88 3.57 1.10 -10.53
CA ASN D 88 2.37 1.69 -9.94
C ASN D 88 1.19 0.75 -10.04
N PHE D 89 0.47 0.61 -8.93
CA PHE D 89 -0.79 -0.10 -8.93
C PHE D 89 -1.87 0.80 -8.36
N ALA D 90 -2.99 0.87 -9.05
CA ALA D 90 -4.15 1.57 -8.54
C ALA D 90 -5.19 0.48 -8.39
N LEU D 91 -5.69 0.35 -7.16
CA LEU D 91 -6.47 -0.84 -6.79
C LEU D 91 -7.84 -0.43 -6.32
N VAL D 92 -8.86 -1.19 -6.74
CA VAL D 92 -10.24 -0.88 -6.38
C VAL D 92 -10.96 -2.14 -5.98
N GLY D 93 -11.68 -2.06 -4.85
CA GLY D 93 -12.65 -3.08 -4.51
C GLY D 93 -14.04 -2.44 -4.52
N SER D 94 -15.06 -3.27 -4.56
CA SER D 94 -16.43 -2.75 -4.55
C SER D 94 -17.35 -3.72 -3.84
N GLU D 95 -18.38 -3.16 -3.22
CA GLU D 95 -19.36 -3.95 -2.48
C GLU D 95 -20.75 -3.66 -3.01
N ASP D 96 -21.44 -4.72 -3.41
CA ASP D 96 -22.76 -4.58 -4.05
C ASP D 96 -23.88 -5.08 -3.16
N GLY D 97 -23.53 -5.48 -1.95
CA GLY D 97 -24.46 -6.25 -1.10
C GLY D 97 -24.25 -5.97 0.37
N THR D 98 -24.36 -7.02 1.18
CA THR D 98 -24.43 -6.86 2.62
C THR D 98 -23.29 -7.46 3.38
N ASP D 99 -22.44 -8.26 2.72
CA ASP D 99 -21.44 -9.05 3.46
C ASP D 99 -20.11 -8.33 3.66
N ASN D 100 -19.96 -7.18 3.01
CA ASN D 100 -18.74 -6.35 3.14
C ASN D 100 -17.44 -7.12 2.86
N ASP D 101 -17.46 -7.97 1.83
CA ASP D 101 -16.20 -8.55 1.38
C ASP D 101 -15.46 -7.66 0.38
N TYR D 102 -16.15 -6.65 -0.15
CA TYR D 102 -15.54 -5.67 -1.09
C TYR D 102 -14.78 -6.24 -2.28
N ASN D 103 -15.15 -7.45 -2.70
CA ASN D 103 -14.47 -8.12 -3.80
C ASN D 103 -15.41 -8.31 -5.00
N ASP D 104 -16.59 -7.69 -4.94
CA ASP D 104 -17.66 -8.07 -5.89
C ASP D 104 -17.26 -7.79 -7.32
N ALA D 105 -16.65 -6.64 -7.53
CA ALA D 105 -15.77 -6.42 -8.67
C ALA D 105 -14.47 -5.86 -8.11
N VAL D 106 -13.36 -6.42 -8.56
CA VAL D 106 -12.04 -5.99 -8.14
C VAL D 106 -11.37 -5.46 -9.41
N VAL D 107 -10.82 -4.25 -9.34
CA VAL D 107 -10.20 -3.67 -10.52
C VAL D 107 -8.77 -3.30 -10.20
N VAL D 108 -7.88 -3.69 -11.10
CA VAL D 108 -6.45 -3.44 -10.94
C VAL D 108 -5.97 -2.64 -12.14
N ILE D 109 -5.37 -1.50 -11.84
CA ILE D 109 -4.80 -0.62 -12.86
C ILE D 109 -3.31 -0.66 -12.61
N ASN D 110 -2.54 -0.87 -13.68
CA ASN D 110 -1.09 -0.89 -13.53
C ASN D 110 -0.40 -0.08 -14.60
N TRP D 111 0.66 0.61 -14.19
CA TRP D 111 1.54 1.31 -15.15
C TRP D 111 2.93 1.46 -14.52
N PRO D 112 3.97 1.74 -15.33
CA PRO D 112 3.93 1.87 -16.79
C PRO D 112 3.89 0.48 -17.45
N LEU D 113 3.55 0.47 -18.74
CA LEU D 113 3.55 -0.75 -19.53
C LEU D 113 4.82 -0.79 -20.39
N GLY D 114 5.00 -1.89 -21.12
CA GLY D 114 6.02 -1.96 -22.18
C GLY D 114 7.34 -2.49 -21.68
#